data_3W1T
#
_entry.id   3W1T
#
_cell.length_a   68.139
_cell.length_b   71.908
_cell.length_c   128.843
_cell.angle_alpha   90.00
_cell.angle_beta   90.00
_cell.angle_gamma   90.00
#
_symmetry.space_group_name_H-M   'P 21 21 21'
#
loop_
_entity.id
_entity.type
_entity.pdbx_description
1 polymer 'Dihydroorotate dehydrogenase (fumarate)'
2 non-polymer '2,6-dioxo-5-{2-[3-(trifluoromethyl)phenyl]ethyl}-1,2,3,6-tetrahydropyrimidine-4-carboxylic acid'
3 non-polymer GLYCEROL
4 non-polymer 'FLAVIN MONONUCLEOTIDE'
5 non-polymer 'COBALT HEXAMMINE(III)'
6 water water
#
_entity_poly.entity_id   1
_entity_poly.type   'polypeptide(L)'
_entity_poly.pdbx_seq_one_letter_code
;MCLKLNLLDHVFANPFMNAAGVLCSTEEDLRCMTASSSGALVSKSCTSAPRDGNPEPRYMAFPLGSINSMGLPNLGFDFY
LKYASDLHDYSKKPLFLSISGLSVEENVAMVRRLAPVAQEKGVLLELNLSCPNVPGKPQVAYDFEAMRTYLQQVSLAYGL
PFGVKMPPYFDIAHFDTAAAVLNEFPLVKFVTCVNSVGNGLVIDAESESVVIKPKQGFGGLGGKYILPTALANVNAFYRR
CPDKLVFGCGGVYSGEDAFLHILAGASMVQVGTALQEEGPGIFTRLEDELLEIMARKGYRTLEEFRGRVKTIE
;
_entity_poly.pdbx_strand_id   A,B
#
# COMPACT_ATOMS: atom_id res chain seq x y z
N MET A 1 5.39 36.70 0.61
CA MET A 1 5.01 35.28 0.73
C MET A 1 3.95 34.88 -0.27
N CYS A 2 4.29 33.94 -1.12
CA CYS A 2 3.31 33.54 -2.10
C CYS A 2 3.35 32.13 -2.52
N LEU A 3 2.19 31.66 -2.92
CA LEU A 3 2.01 30.31 -3.41
C LEU A 3 2.10 30.14 -4.94
N LYS A 4 2.48 31.20 -5.67
CA LYS A 4 2.48 31.19 -7.11
C LYS A 4 3.45 30.15 -7.63
N LEU A 5 3.09 29.50 -8.73
CA LEU A 5 4.01 28.68 -9.50
C LEU A 5 3.92 29.01 -10.97
N ASN A 6 5.01 28.87 -11.68
CA ASN A 6 5.02 29.02 -13.13
C ASN A 6 5.61 27.71 -13.65
N LEU A 7 4.82 26.89 -14.32
CA LEU A 7 5.36 25.67 -14.86
C LEU A 7 4.57 25.20 -16.05
N LEU A 8 5.23 24.39 -16.88
CA LEU A 8 4.58 23.88 -18.11
C LEU A 8 4.01 25.05 -18.96
N ASP A 9 4.70 26.19 -18.91
CA ASP A 9 4.29 27.42 -19.62
C ASP A 9 2.90 27.97 -19.20
N HIS A 10 2.51 27.68 -17.95
CA HIS A 10 1.31 28.21 -17.37
C HIS A 10 1.62 28.84 -16.03
N VAL A 11 0.77 29.75 -15.60
CA VAL A 11 0.86 30.36 -14.29
C VAL A 11 -0.29 29.84 -13.43
N PHE A 12 0.05 29.51 -12.20
CA PHE A 12 -0.86 28.95 -11.19
C PHE A 12 -0.79 29.80 -9.94
N ALA A 13 -1.96 30.18 -9.43
CA ALA A 13 -2.03 31.03 -8.24
C ALA A 13 -1.51 30.32 -6.98
N ASN A 14 -1.64 29.00 -6.99
CA ASN A 14 -1.28 28.17 -5.86
C ASN A 14 -1.17 26.74 -6.41
N PRO A 15 -0.60 25.84 -5.61
CA PRO A 15 -0.32 24.49 -6.16
C PRO A 15 -1.51 23.53 -6.06
N PHE A 16 -2.61 23.95 -5.50
CA PHE A 16 -3.70 23.01 -5.18
C PHE A 16 -4.65 22.84 -6.37
N MET A 17 -5.02 21.60 -6.56
CA MET A 17 -6.04 21.20 -7.54
C MET A 17 -6.78 19.94 -7.07
N ASN A 18 -7.93 19.63 -7.69
CA ASN A 18 -8.56 18.34 -7.44
C ASN A 18 -7.71 17.20 -7.97
N ALA A 19 -7.82 16.03 -7.40
CA ALA A 19 -7.39 14.79 -7.99
C ALA A 19 -8.39 14.27 -9.02
N ALA A 20 -7.89 13.70 -10.13
CA ALA A 20 -8.81 13.25 -11.16
C ALA A 20 -9.83 12.29 -10.52
N GLY A 21 -11.07 12.45 -10.97
CA GLY A 21 -12.18 11.70 -10.47
C GLY A 21 -13.00 12.35 -9.39
N VAL A 22 -12.46 13.36 -8.77
CA VAL A 22 -13.20 14.03 -7.71
C VAL A 22 -13.68 15.42 -8.14
N LEU A 23 -14.97 15.67 -8.06
CA LEU A 23 -15.54 16.97 -8.38
C LEU A 23 -15.14 17.40 -9.79
N CYS A 24 -15.22 16.44 -10.70
CA CYS A 24 -14.85 16.76 -12.07
C CYS A 24 -15.48 16.03 -13.23
N SER A 25 -16.62 15.43 -13.00
CA SER A 25 -17.25 14.63 -14.01
C SER A 25 -18.23 15.31 -14.97
N THR A 26 -18.93 16.30 -14.43
CA THR A 26 -19.94 16.98 -15.22
C THR A 26 -19.54 18.42 -15.47
N GLU A 27 -20.26 19.12 -16.35
CA GLU A 27 -20.03 20.54 -16.56
C GLU A 27 -20.23 21.29 -15.24
N GLU A 28 -21.27 20.90 -14.48
CA GLU A 28 -21.51 21.51 -13.17
C GLU A 28 -20.27 21.41 -12.27
N ASP A 29 -19.70 20.19 -12.18
CA ASP A 29 -18.50 19.91 -11.39
C ASP A 29 -17.31 20.81 -11.82
N LEU A 30 -17.11 20.93 -13.14
CA LEU A 30 -15.95 21.63 -13.64
C LEU A 30 -16.12 23.10 -13.46
N ARG A 31 -17.35 23.62 -13.58
CA ARG A 31 -17.64 25.03 -13.26
C ARG A 31 -17.36 25.30 -11.76
N CYS A 32 -17.74 24.34 -10.93
CA CYS A 32 -17.54 24.43 -9.47
C CYS A 32 -16.08 24.46 -9.13
N MET A 33 -15.32 23.57 -9.72
CA MET A 33 -13.87 23.61 -9.43
C MET A 33 -13.26 24.92 -9.97
N THR A 34 -13.70 25.38 -11.14
CA THR A 34 -13.20 26.65 -11.71
C THR A 34 -13.51 27.84 -10.77
N ALA A 35 -14.69 27.84 -10.14
CA ALA A 35 -15.09 28.91 -9.22
C ALA A 35 -14.39 28.87 -7.90
N SER A 36 -13.81 27.69 -7.54
CA SER A 36 -13.12 27.53 -6.28
C SER A 36 -11.80 28.28 -6.25
N SER A 37 -11.15 28.33 -5.09
CA SER A 37 -9.83 29.00 -5.05
C SER A 37 -8.66 28.10 -5.43
N SER A 38 -8.92 26.90 -5.97
CA SER A 38 -7.79 26.01 -6.38
C SER A 38 -6.98 26.69 -7.51
N GLY A 39 -5.71 26.31 -7.58
CA GLY A 39 -4.84 26.87 -8.60
C GLY A 39 -5.03 26.30 -9.99
N ALA A 40 -5.62 25.11 -10.05
CA ALA A 40 -5.91 24.43 -11.30
C ALA A 40 -7.03 23.43 -11.06
N LEU A 41 -7.43 22.75 -12.15
CA LEU A 41 -8.39 21.66 -12.06
C LEU A 41 -8.05 20.61 -13.08
N VAL A 42 -8.49 19.36 -12.83
CA VAL A 42 -8.33 18.26 -13.81
C VAL A 42 -9.70 17.60 -14.07
N SER A 43 -10.03 17.31 -15.32
CA SER A 43 -11.29 16.65 -15.62
C SER A 43 -11.21 15.14 -15.33
N LYS A 44 -12.36 14.52 -15.07
CA LYS A 44 -12.50 13.10 -14.88
C LYS A 44 -11.85 12.32 -16.03
N SER A 45 -11.07 11.28 -15.67
CA SER A 45 -10.46 10.37 -16.65
C SER A 45 -11.56 9.92 -17.54
N CYS A 46 -11.33 10.03 -18.84
CA CYS A 46 -12.36 9.64 -19.81
C CYS A 46 -11.96 8.48 -20.75
N THR A 47 -13.00 7.92 -21.32
CA THR A 47 -12.95 6.92 -22.40
C THR A 47 -13.59 7.52 -23.64
N SER A 48 -13.43 6.83 -24.77
CA SER A 48 -13.98 7.38 -26.02
C SER A 48 -15.48 7.48 -25.92
N ALA A 49 -16.08 6.46 -25.36
CA ALA A 49 -17.53 6.43 -25.18
C ALA A 49 -17.93 6.71 -23.72
N PRO A 50 -19.11 7.21 -23.52
CA PRO A 50 -19.59 7.41 -22.16
C PRO A 50 -19.71 6.09 -21.43
N ARG A 51 -19.48 6.12 -20.12
CA ARG A 51 -19.66 5.00 -19.27
C ARG A 51 -20.51 5.33 -18.03
N ASP A 52 -21.40 4.39 -17.70
CA ASP A 52 -22.18 4.44 -16.47
C ASP A 52 -21.42 4.13 -15.21
N GLY A 53 -20.43 3.30 -15.39
CA GLY A 53 -19.62 2.80 -14.31
C GLY A 53 -20.29 1.65 -13.59
N ASN A 54 -19.73 1.32 -12.43
CA ASN A 54 -20.14 0.17 -11.66
C ASN A 54 -21.41 0.40 -10.82
N PRO A 55 -22.04 -0.68 -10.42
CA PRO A 55 -23.12 -0.57 -9.48
C PRO A 55 -22.77 0.07 -8.17
N GLU A 56 -23.75 0.78 -7.59
CA GLU A 56 -23.61 1.45 -6.29
C GLU A 56 -24.00 0.50 -5.18
N PRO A 57 -23.46 0.69 -3.99
CA PRO A 57 -22.47 1.68 -3.61
C PRO A 57 -21.10 1.32 -4.18
N ARG A 58 -20.35 2.34 -4.65
CA ARG A 58 -19.09 2.16 -5.27
C ARG A 58 -18.01 3.08 -4.73
N TYR A 59 -18.38 3.98 -3.85
CA TYR A 59 -17.47 4.84 -3.06
C TYR A 59 -17.97 4.92 -1.64
N MET A 60 -17.05 4.79 -0.68
CA MET A 60 -17.35 5.04 0.70
C MET A 60 -16.17 5.66 1.42
N ALA A 61 -16.47 6.56 2.34
CA ALA A 61 -15.45 7.23 3.13
C ALA A 61 -15.65 7.04 4.62
N PHE A 62 -14.52 7.19 5.31
CA PHE A 62 -14.41 6.91 6.71
C PHE A 62 -13.37 7.86 7.30
N PRO A 63 -13.20 7.85 8.64
CA PRO A 63 -12.27 8.77 9.27
C PRO A 63 -10.85 8.75 8.70
N LEU A 64 -10.39 7.57 8.30
CA LEU A 64 -8.99 7.42 7.82
C LEU A 64 -8.87 7.42 6.31
N GLY A 65 -9.99 7.54 5.59
CA GLY A 65 -9.89 7.53 4.12
C GLY A 65 -11.04 6.93 3.41
N SER A 66 -10.84 6.55 2.13
CA SER A 66 -11.90 6.15 1.27
C SER A 66 -11.48 4.89 0.52
N ILE A 67 -12.49 4.23 0.00
CA ILE A 67 -12.36 3.06 -0.85
C ILE A 67 -13.30 3.22 -2.03
N ASN A 68 -12.84 2.91 -3.25
CA ASN A 68 -13.71 3.01 -4.41
C ASN A 68 -13.42 2.00 -5.50
N SER A 69 -14.47 1.58 -6.19
CA SER A 69 -14.39 0.83 -7.37
C SER A 69 -15.44 1.41 -8.31
N MET A 70 -15.16 2.63 -8.76
CA MET A 70 -16.18 3.35 -9.52
C MET A 70 -16.46 2.79 -10.91
N GLY A 71 -15.48 2.15 -11.53
CA GLY A 71 -15.64 1.57 -12.88
C GLY A 71 -15.57 2.62 -13.99
N LEU A 72 -14.90 3.72 -13.73
CA LEU A 72 -14.66 4.78 -14.71
C LEU A 72 -15.94 5.35 -15.31
N PRO A 73 -16.93 5.73 -14.51
CA PRO A 73 -18.09 6.48 -15.04
C PRO A 73 -17.61 7.82 -15.62
N ASN A 74 -18.06 8.23 -16.81
CA ASN A 74 -17.60 9.52 -17.33
C ASN A 74 -18.50 9.83 -18.53
N LEU A 75 -18.53 11.10 -18.91
CA LEU A 75 -19.41 11.52 -19.99
C LEU A 75 -18.82 11.34 -21.41
N GLY A 76 -17.64 10.77 -21.50
CA GLY A 76 -16.99 10.49 -22.82
C GLY A 76 -16.09 11.57 -23.27
N PHE A 77 -15.12 11.22 -24.08
CA PHE A 77 -14.11 12.14 -24.50
C PHE A 77 -14.66 13.35 -25.18
N ASP A 78 -15.68 13.20 -26.04
CA ASP A 78 -16.13 14.38 -26.75
C ASP A 78 -16.60 15.48 -25.79
N PHE A 79 -17.30 15.11 -24.70
CA PHE A 79 -17.72 16.07 -23.73
C PHE A 79 -16.56 16.84 -23.09
N TYR A 80 -15.54 16.13 -22.64
CA TYR A 80 -14.37 16.78 -22.03
C TYR A 80 -13.56 17.62 -22.99
N LEU A 81 -13.46 17.18 -24.23
CA LEU A 81 -12.81 17.96 -25.28
C LEU A 81 -13.57 19.24 -25.57
N LYS A 82 -14.91 19.17 -25.64
CA LYS A 82 -15.76 20.34 -25.76
C LYS A 82 -15.58 21.34 -24.62
N TYR A 83 -15.53 20.82 -23.38
CA TYR A 83 -15.33 21.66 -22.24
C TYR A 83 -13.98 22.39 -22.42
N ALA A 84 -12.93 21.63 -22.77
CA ALA A 84 -11.62 22.26 -22.96
C ALA A 84 -11.58 23.27 -24.14
N SER A 85 -12.29 22.96 -25.20
CA SER A 85 -12.18 23.79 -26.40
C SER A 85 -13.11 25.02 -26.36
N ASP A 86 -14.30 24.90 -25.74
CA ASP A 86 -15.36 25.86 -25.86
C ASP A 86 -15.84 26.46 -24.55
N LEU A 87 -15.69 25.77 -23.43
CA LEU A 87 -16.43 26.15 -22.22
C LEU A 87 -15.54 26.69 -21.13
N HIS A 88 -14.38 26.07 -20.95
CA HIS A 88 -13.49 26.44 -19.85
C HIS A 88 -13.01 27.88 -19.97
N ASP A 89 -13.03 28.60 -18.85
CA ASP A 89 -12.48 29.97 -18.81
C ASP A 89 -10.99 29.93 -18.38
N TYR A 90 -10.06 29.96 -19.32
CA TYR A 90 -8.64 29.84 -19.06
C TYR A 90 -8.06 31.10 -18.34
N SER A 91 -8.82 32.17 -18.31
CA SER A 91 -8.37 33.33 -17.54
C SER A 91 -8.54 33.04 -16.02
N LYS A 92 -9.36 32.05 -15.67
CA LYS A 92 -9.50 31.75 -14.22
C LYS A 92 -8.37 30.89 -13.69
N LYS A 93 -8.04 29.81 -14.38
CA LYS A 93 -6.95 28.93 -14.01
C LYS A 93 -6.72 27.92 -15.12
N PRO A 94 -5.56 27.27 -15.09
CA PRO A 94 -5.29 26.21 -16.05
C PRO A 94 -6.09 24.94 -15.86
N LEU A 95 -6.34 24.26 -16.97
CA LEU A 95 -7.11 23.00 -17.02
C LEU A 95 -6.23 21.86 -17.49
N PHE A 96 -6.26 20.73 -16.77
CA PHE A 96 -5.74 19.45 -17.16
C PHE A 96 -6.91 18.57 -17.58
N LEU A 97 -6.72 17.78 -18.64
CA LEU A 97 -7.69 16.83 -19.10
C LEU A 97 -7.07 15.47 -18.89
N SER A 98 -7.74 14.59 -18.16
CA SER A 98 -7.24 13.25 -17.92
C SER A 98 -7.90 12.24 -18.84
N ILE A 99 -7.07 11.41 -19.43
CA ILE A 99 -7.60 10.33 -20.24
C ILE A 99 -7.24 8.96 -19.72
N SER A 100 -8.13 8.00 -19.90
CA SER A 100 -7.82 6.66 -19.44
C SER A 100 -8.48 5.59 -20.30
N GLY A 101 -8.07 5.54 -21.57
CA GLY A 101 -8.57 4.49 -22.49
C GLY A 101 -8.26 3.07 -22.02
N LEU A 102 -9.07 2.17 -22.54
CA LEU A 102 -9.10 0.76 -22.16
C LEU A 102 -8.11 -0.05 -23.01
N SER A 103 -7.53 0.62 -23.98
CA SER A 103 -6.51 0.03 -24.84
C SER A 103 -5.57 1.11 -25.32
N VAL A 104 -4.39 0.73 -25.84
CA VAL A 104 -3.49 1.72 -26.39
C VAL A 104 -4.18 2.44 -27.59
N GLU A 105 -4.93 1.72 -28.46
CA GLU A 105 -5.59 2.35 -29.55
C GLU A 105 -6.60 3.42 -29.14
N GLU A 106 -7.39 3.14 -28.10
CA GLU A 106 -8.40 4.12 -27.58
C GLU A 106 -7.67 5.41 -27.10
N ASN A 107 -6.57 5.24 -26.39
CA ASN A 107 -5.75 6.42 -25.97
C ASN A 107 -5.18 7.20 -27.16
N VAL A 108 -4.64 6.50 -28.16
CA VAL A 108 -4.10 7.15 -29.36
C VAL A 108 -5.19 7.96 -30.08
N ALA A 109 -6.38 7.40 -30.19
CA ALA A 109 -7.42 8.11 -30.85
C ALA A 109 -7.83 9.39 -30.15
N MET A 110 -7.93 9.29 -28.82
CA MET A 110 -8.20 10.51 -28.02
C MET A 110 -7.10 11.57 -28.15
N VAL A 111 -5.85 11.20 -27.94
CA VAL A 111 -4.78 12.20 -27.94
C VAL A 111 -4.62 12.87 -29.31
N ARG A 112 -4.90 12.12 -30.36
CA ARG A 112 -4.80 12.72 -31.69
C ARG A 112 -5.73 13.91 -31.88
N ARG A 113 -6.92 13.77 -31.33
CA ARG A 113 -7.93 14.83 -31.40
C ARG A 113 -7.76 15.93 -30.33
N LEU A 114 -7.18 15.57 -29.19
CA LEU A 114 -6.83 16.55 -28.16
C LEU A 114 -5.74 17.53 -28.62
N ALA A 115 -4.81 17.03 -29.40
CA ALA A 115 -3.63 17.78 -29.67
C ALA A 115 -3.89 19.18 -30.21
N PRO A 116 -4.73 19.36 -31.21
CA PRO A 116 -4.97 20.75 -31.68
C PRO A 116 -5.60 21.69 -30.65
N VAL A 117 -6.40 21.11 -29.77
CA VAL A 117 -7.01 21.89 -28.68
C VAL A 117 -5.94 22.23 -27.61
N ALA A 118 -5.06 21.26 -27.30
CA ALA A 118 -3.93 21.50 -26.42
C ALA A 118 -3.09 22.62 -26.98
N GLN A 119 -2.76 22.52 -28.25
CA GLN A 119 -1.96 23.58 -28.88
C GLN A 119 -2.66 24.93 -28.90
N GLU A 120 -3.93 25.00 -29.25
CA GLU A 120 -4.60 26.28 -29.35
C GLU A 120 -5.03 26.93 -28.03
N LYS A 121 -5.50 26.11 -27.09
CA LYS A 121 -6.06 26.62 -25.84
C LYS A 121 -5.18 26.38 -24.60
N GLY A 122 -4.22 25.48 -24.68
CA GLY A 122 -3.29 25.29 -23.57
C GLY A 122 -3.77 24.23 -22.56
N VAL A 123 -4.87 23.54 -22.83
CA VAL A 123 -5.21 22.38 -21.99
C VAL A 123 -4.08 21.41 -21.91
N LEU A 124 -3.84 20.84 -20.71
CA LEU A 124 -2.73 19.97 -20.45
C LEU A 124 -3.18 18.53 -20.22
N LEU A 125 -2.55 17.60 -20.92
CA LEU A 125 -2.93 16.19 -20.78
C LEU A 125 -2.32 15.48 -19.57
N GLU A 126 -3.15 14.75 -18.80
CA GLU A 126 -2.72 13.79 -17.78
C GLU A 126 -3.21 12.40 -18.23
N LEU A 127 -2.23 11.57 -18.59
CA LEU A 127 -2.57 10.19 -19.04
C LEU A 127 -2.54 9.24 -17.86
N ASN A 128 -3.69 8.61 -17.59
CA ASN A 128 -3.82 7.74 -16.47
C ASN A 128 -3.37 6.32 -16.86
N LEU A 129 -2.24 5.94 -16.31
CA LEU A 129 -1.65 4.63 -16.54
C LEU A 129 -2.11 3.52 -15.57
N SER A 130 -3.11 3.81 -14.75
CA SER A 130 -3.85 2.74 -14.05
C SER A 130 -4.96 2.07 -14.88
N CYS A 131 -5.15 2.46 -16.08
CA CYS A 131 -6.08 1.80 -16.92
C CYS A 131 -5.73 0.24 -16.83
N PRO A 132 -6.79 -0.54 -16.66
CA PRO A 132 -6.70 -1.95 -16.98
C PRO A 132 -6.37 -2.05 -18.43
N ASN A 133 -5.70 -3.12 -18.81
CA ASN A 133 -5.51 -3.42 -20.20
C ASN A 133 -6.26 -4.71 -20.37
N VAL A 134 -5.57 -5.81 -20.61
CA VAL A 134 -6.24 -7.08 -20.77
C VAL A 134 -6.62 -7.60 -19.41
N PRO A 135 -7.89 -7.92 -19.15
CA PRO A 135 -8.13 -8.59 -17.85
C PRO A 135 -7.36 -9.90 -17.65
N GLY A 136 -6.97 -10.18 -16.40
CA GLY A 136 -5.98 -11.15 -16.04
C GLY A 136 -4.54 -10.70 -16.12
N LYS A 137 -4.28 -9.52 -16.68
CA LYS A 137 -2.94 -8.97 -16.59
C LYS A 137 -3.04 -7.78 -15.60
N PRO A 138 -1.90 -7.34 -15.09
CA PRO A 138 -1.94 -6.18 -14.15
C PRO A 138 -2.30 -4.92 -14.85
N GLN A 139 -2.63 -3.87 -14.06
CA GLN A 139 -2.90 -2.62 -14.60
C GLN A 139 -1.64 -2.18 -15.40
N VAL A 140 -1.85 -1.32 -16.37
CA VAL A 140 -0.78 -0.97 -17.31
C VAL A 140 0.51 -0.50 -16.63
N ALA A 141 0.45 0.33 -15.59
CA ALA A 141 1.68 0.82 -14.95
C ALA A 141 2.37 -0.26 -14.10
N TYR A 142 1.73 -1.40 -13.93
CA TYR A 142 2.37 -2.52 -13.27
C TYR A 142 2.87 -3.57 -14.29
N ASP A 143 2.76 -3.25 -15.58
CA ASP A 143 3.26 -4.10 -16.63
C ASP A 143 4.19 -3.19 -17.44
N PHE A 144 5.48 -3.25 -17.18
CA PHE A 144 6.40 -2.26 -17.72
C PHE A 144 6.50 -2.25 -19.24
N GLU A 145 6.37 -3.41 -19.86
CA GLU A 145 6.34 -3.43 -21.32
C GLU A 145 5.11 -2.77 -21.90
N ALA A 146 3.95 -3.00 -21.27
CA ALA A 146 2.77 -2.35 -21.73
C ALA A 146 2.89 -0.83 -21.54
N MET A 147 3.39 -0.44 -20.37
CA MET A 147 3.57 0.99 -20.11
C MET A 147 4.47 1.64 -21.17
N ARG A 148 5.55 0.98 -21.54
CA ARG A 148 6.45 1.50 -22.59
C ARG A 148 5.70 1.62 -23.89
N THR A 149 4.93 0.59 -24.26
CA THR A 149 4.10 0.65 -25.52
C THR A 149 3.10 1.81 -25.52
N TYR A 150 2.41 1.96 -24.40
CA TYR A 150 1.48 3.07 -24.28
C TYR A 150 2.17 4.42 -24.47
N LEU A 151 3.30 4.62 -23.80
CA LEU A 151 4.00 5.89 -23.88
C LEU A 151 4.63 6.19 -25.25
N GLN A 152 5.13 5.16 -25.90
CA GLN A 152 5.60 5.28 -27.30
C GLN A 152 4.50 5.72 -28.22
N GLN A 153 3.35 5.04 -28.12
CA GLN A 153 2.25 5.32 -29.01
C GLN A 153 1.62 6.73 -28.76
N VAL A 154 1.44 7.08 -27.49
CA VAL A 154 0.87 8.35 -27.15
C VAL A 154 1.82 9.49 -27.47
N SER A 155 3.10 9.30 -27.23
CA SER A 155 4.10 10.31 -27.56
C SER A 155 4.09 10.59 -29.07
N LEU A 156 4.08 9.52 -29.89
CA LEU A 156 4.03 9.70 -31.37
C LEU A 156 2.74 10.37 -31.82
N ALA A 157 1.60 9.98 -31.24
CA ALA A 157 0.33 10.51 -31.65
C ALA A 157 0.03 11.91 -31.20
N TYR A 158 0.55 12.25 -30.04
CA TYR A 158 0.24 13.52 -29.46
C TYR A 158 1.21 14.63 -29.86
N GLY A 159 2.49 14.36 -29.66
CA GLY A 159 3.58 15.21 -30.13
C GLY A 159 3.79 16.50 -29.32
N LEU A 160 3.19 16.56 -28.09
CA LEU A 160 3.25 17.74 -27.23
C LEU A 160 3.54 17.25 -25.79
N PRO A 161 4.05 18.15 -24.99
CA PRO A 161 4.27 17.81 -23.59
C PRO A 161 2.97 17.34 -22.90
N PHE A 162 3.15 16.32 -22.06
CA PHE A 162 2.05 15.76 -21.32
C PHE A 162 2.56 15.19 -20.00
N GLY A 163 1.64 14.75 -19.16
CA GLY A 163 2.00 14.07 -17.92
C GLY A 163 1.32 12.74 -17.76
N VAL A 164 1.80 11.98 -16.76
CA VAL A 164 1.27 10.69 -16.50
C VAL A 164 0.86 10.55 -15.00
N LYS A 165 -0.26 9.87 -14.75
CA LYS A 165 -0.76 9.53 -13.42
C LYS A 165 -0.35 8.08 -13.07
N MET A 166 0.45 7.91 -12.04
CA MET A 166 1.03 6.63 -11.67
C MET A 166 0.40 6.02 -10.45
N PRO A 167 0.28 4.67 -10.43
CA PRO A 167 -0.10 4.02 -9.19
C PRO A 167 1.10 4.01 -8.25
N PRO A 168 0.87 3.79 -7.00
CA PRO A 168 2.01 3.60 -6.11
C PRO A 168 2.79 2.31 -6.39
N TYR A 169 4.08 2.38 -6.12
CA TYR A 169 4.94 1.22 -6.05
C TYR A 169 5.47 1.00 -4.61
N PHE A 170 5.98 -0.18 -4.34
CA PHE A 170 6.28 -0.65 -2.97
C PHE A 170 7.66 -1.32 -2.86
N ASP A 171 8.40 -1.28 -3.96
CA ASP A 171 9.71 -1.98 -4.05
C ASP A 171 10.67 -1.09 -4.78
N ILE A 172 11.92 -1.01 -4.32
CA ILE A 172 12.89 -0.07 -4.87
C ILE A 172 13.15 -0.47 -6.33
N ALA A 173 13.13 -1.78 -6.60
CA ALA A 173 13.45 -2.18 -7.99
C ALA A 173 12.38 -1.68 -8.93
N HIS A 174 11.13 -1.65 -8.46
CA HIS A 174 10.04 -1.07 -9.24
C HIS A 174 10.13 0.45 -9.42
N PHE A 175 10.53 1.20 -8.38
CA PHE A 175 10.80 2.65 -8.54
C PHE A 175 11.84 2.81 -9.63
N ASP A 176 12.90 2.00 -9.55
CA ASP A 176 14.00 2.12 -10.54
C ASP A 176 13.55 1.88 -11.94
N THR A 177 12.86 0.80 -12.16
CA THR A 177 12.41 0.44 -13.48
C THR A 177 11.37 1.41 -14.05
N ALA A 178 10.38 1.74 -13.19
CA ALA A 178 9.32 2.62 -13.62
C ALA A 178 9.87 3.97 -14.00
N ALA A 179 10.77 4.53 -13.19
CA ALA A 179 11.36 5.84 -13.56
C ALA A 179 12.20 5.79 -14.81
N ALA A 180 12.93 4.73 -15.02
CA ALA A 180 13.71 4.54 -16.22
C ALA A 180 12.83 4.44 -17.45
N VAL A 181 11.67 3.76 -17.37
CA VAL A 181 10.75 3.81 -18.50
C VAL A 181 10.30 5.25 -18.76
N LEU A 182 9.80 5.98 -17.76
CA LEU A 182 9.37 7.34 -17.96
C LEU A 182 10.46 8.20 -18.58
N ASN A 183 11.69 7.96 -18.14
CA ASN A 183 12.84 8.79 -18.60
C ASN A 183 13.22 8.54 -20.10
N GLU A 184 12.69 7.48 -20.68
CA GLU A 184 12.80 7.24 -22.13
C GLU A 184 11.98 8.22 -22.97
N PHE A 185 11.01 8.94 -22.36
CA PHE A 185 10.02 9.76 -23.04
C PHE A 185 10.13 11.22 -22.69
N PRO A 186 10.85 11.95 -23.53
CA PRO A 186 11.05 13.35 -23.23
C PRO A 186 9.79 14.22 -23.21
N LEU A 187 8.72 13.79 -23.87
CA LEU A 187 7.48 14.57 -23.83
C LEU A 187 6.72 14.40 -22.50
N VAL A 188 7.09 13.40 -21.71
CA VAL A 188 6.49 13.27 -20.37
C VAL A 188 7.14 14.31 -19.45
N LYS A 189 6.43 15.41 -19.23
CA LYS A 189 7.03 16.50 -18.49
C LYS A 189 6.65 16.54 -17.04
N PHE A 190 5.55 15.87 -16.71
CA PHE A 190 5.15 15.71 -15.29
C PHE A 190 4.67 14.30 -14.97
N VAL A 191 4.86 13.93 -13.71
CA VAL A 191 4.56 12.60 -13.18
C VAL A 191 3.73 12.78 -11.90
N THR A 192 2.45 12.34 -11.92
CA THR A 192 1.56 12.52 -10.75
C THR A 192 1.57 11.28 -9.92
N CYS A 193 2.08 11.39 -8.70
CA CYS A 193 2.20 10.23 -7.79
C CYS A 193 1.39 10.56 -6.56
N VAL A 194 0.29 9.88 -6.22
CA VAL A 194 -0.09 8.58 -6.73
C VAL A 194 -1.57 8.47 -6.92
N ASN A 195 -1.94 7.47 -7.72
CA ASN A 195 -3.32 6.98 -7.76
C ASN A 195 -3.60 6.15 -6.47
N SER A 196 -4.80 5.61 -6.37
CA SER A 196 -5.19 4.97 -5.14
C SER A 196 -4.36 3.73 -4.90
N VAL A 197 -4.22 3.34 -3.62
CA VAL A 197 -3.58 2.11 -3.29
C VAL A 197 -4.55 0.95 -3.58
N GLY A 198 -4.12 0.11 -4.50
CA GLY A 198 -5.00 -0.80 -5.14
C GLY A 198 -5.60 -1.88 -4.24
N ASN A 199 -6.85 -2.24 -4.51
CA ASN A 199 -7.45 -3.45 -3.99
C ASN A 199 -7.31 -3.69 -2.52
N GLY A 200 -7.60 -2.65 -1.77
CA GLY A 200 -7.82 -2.81 -0.33
C GLY A 200 -9.24 -3.32 -0.10
N LEU A 201 -9.54 -3.60 1.18
CA LEU A 201 -10.85 -4.18 1.53
C LEU A 201 -11.28 -3.59 2.84
N VAL A 202 -12.32 -2.78 2.84
CA VAL A 202 -12.91 -2.31 4.09
C VAL A 202 -14.12 -3.21 4.46
N ILE A 203 -14.15 -3.58 5.72
CA ILE A 203 -15.25 -4.38 6.27
C ILE A 203 -15.88 -3.64 7.47
N ASP A 204 -17.20 -3.63 7.51
CA ASP A 204 -17.95 -3.03 8.58
C ASP A 204 -18.26 -4.14 9.62
N ALA A 205 -17.79 -3.92 10.84
CA ALA A 205 -17.89 -4.94 11.85
C ALA A 205 -19.32 -5.24 12.26
N GLU A 206 -20.13 -4.20 12.34
CA GLU A 206 -21.50 -4.40 12.78
C GLU A 206 -22.28 -5.26 11.80
N SER A 207 -22.18 -4.92 10.53
CA SER A 207 -22.91 -5.67 9.52
C SER A 207 -22.17 -6.89 9.00
N GLU A 208 -20.89 -6.99 9.32
CA GLU A 208 -20.07 -8.09 8.88
C GLU A 208 -20.01 -8.17 7.36
N SER A 209 -20.10 -7.00 6.77
CA SER A 209 -20.19 -6.87 5.34
C SER A 209 -19.10 -5.94 4.80
N VAL A 210 -18.62 -6.23 3.58
CA VAL A 210 -17.92 -5.21 2.78
C VAL A 210 -18.82 -3.98 2.53
N VAL A 211 -18.21 -2.87 2.15
CA VAL A 211 -18.92 -1.60 2.09
C VAL A 211 -19.18 -1.10 0.67
N ILE A 212 -18.55 -1.72 -0.31
CA ILE A 212 -18.85 -1.40 -1.70
C ILE A 212 -19.22 -2.66 -2.43
N LYS A 213 -20.07 -2.51 -3.41
CA LYS A 213 -20.63 -3.64 -4.13
C LYS A 213 -19.78 -4.29 -5.22
N PRO A 214 -19.12 -3.50 -6.06
CA PRO A 214 -18.28 -4.16 -7.05
C PRO A 214 -17.11 -4.96 -6.46
N LYS A 215 -16.62 -5.92 -7.24
CA LYS A 215 -15.35 -6.65 -6.92
C LYS A 215 -15.34 -7.27 -5.51
N GLN A 216 -16.52 -7.68 -5.01
CA GLN A 216 -16.63 -8.34 -3.70
C GLN A 216 -16.06 -7.43 -2.62
N GLY A 217 -16.15 -6.12 -2.82
CA GLY A 217 -15.80 -5.12 -1.81
C GLY A 217 -14.38 -4.63 -1.94
N PHE A 218 -13.60 -5.16 -2.88
CA PHE A 218 -12.19 -4.70 -3.07
C PHE A 218 -12.18 -3.37 -3.85
N GLY A 219 -11.35 -2.42 -3.48
CA GLY A 219 -11.26 -1.18 -4.27
C GLY A 219 -10.09 -0.36 -3.86
N GLY A 220 -9.91 0.73 -4.60
CA GLY A 220 -8.71 1.53 -4.34
C GLY A 220 -8.87 2.43 -3.11
N LEU A 221 -7.79 2.58 -2.34
CA LEU A 221 -7.76 3.34 -1.07
C LEU A 221 -7.16 4.69 -1.30
N GLY A 222 -7.82 5.67 -0.75
CA GLY A 222 -7.29 6.99 -0.60
C GLY A 222 -7.36 7.48 0.82
N GLY A 223 -6.82 8.66 0.99
CA GLY A 223 -6.94 9.37 2.20
C GLY A 223 -5.79 9.13 3.20
N LYS A 224 -6.12 9.28 4.48
CA LYS A 224 -5.07 9.22 5.50
C LYS A 224 -4.27 7.93 5.45
N TYR A 225 -4.92 6.81 5.09
CA TYR A 225 -4.19 5.54 4.89
C TYR A 225 -2.92 5.67 4.07
N ILE A 226 -2.96 6.51 3.04
CA ILE A 226 -1.99 6.42 1.99
C ILE A 226 -0.91 7.52 1.99
N LEU A 227 -0.92 8.39 2.96
CA LEU A 227 0.00 9.56 2.93
C LEU A 227 1.49 9.16 2.87
N PRO A 228 1.96 8.28 3.77
CA PRO A 228 3.38 7.89 3.68
C PRO A 228 3.72 7.18 2.34
N THR A 229 2.82 6.37 1.82
CA THR A 229 3.02 5.77 0.51
C THR A 229 3.18 6.85 -0.60
N ALA A 230 2.27 7.84 -0.55
CA ALA A 230 2.25 8.92 -1.55
C ALA A 230 3.56 9.72 -1.47
N LEU A 231 4.00 10.05 -0.23
CA LEU A 231 5.22 10.80 -0.06
C LEU A 231 6.38 10.00 -0.66
N ALA A 232 6.43 8.70 -0.35
CA ALA A 232 7.51 7.87 -0.82
C ALA A 232 7.62 7.92 -2.35
N ASN A 233 6.46 7.79 -2.98
CA ASN A 233 6.44 7.80 -4.44
C ASN A 233 6.82 9.11 -5.04
N VAL A 234 6.30 10.19 -4.46
CA VAL A 234 6.68 11.58 -4.91
C VAL A 234 8.20 11.69 -4.82
N ASN A 235 8.77 11.31 -3.69
CA ASN A 235 10.23 11.52 -3.53
C ASN A 235 11.04 10.57 -4.39
N ALA A 236 10.58 9.33 -4.56
CA ALA A 236 11.30 8.34 -5.36
C ALA A 236 11.42 8.87 -6.79
N PHE A 237 10.29 9.34 -7.33
CA PHE A 237 10.32 9.87 -8.72
C PHE A 237 10.98 11.23 -8.84
N TYR A 238 10.86 12.07 -7.84
CA TYR A 238 11.61 13.33 -7.72
C TYR A 238 13.08 13.12 -7.84
N ARG A 239 13.56 12.12 -7.12
CA ARG A 239 15.01 11.79 -7.17
C ARG A 239 15.40 11.18 -8.53
N ARG A 240 14.55 10.38 -9.12
CA ARG A 240 14.92 9.56 -10.31
C ARG A 240 14.66 10.29 -11.63
N CYS A 241 13.84 11.35 -11.61
CA CYS A 241 13.41 12.02 -12.83
C CYS A 241 13.75 13.48 -12.79
N PRO A 242 15.06 13.80 -12.82
CA PRO A 242 15.45 15.16 -12.56
C PRO A 242 15.02 16.17 -13.68
N ASP A 243 14.72 15.69 -14.87
CA ASP A 243 14.22 16.52 -15.95
C ASP A 243 12.73 16.59 -16.04
N LYS A 244 11.99 16.09 -15.03
CA LYS A 244 10.51 16.12 -15.03
C LYS A 244 10.02 16.78 -13.73
N LEU A 245 8.80 17.28 -13.77
CA LEU A 245 8.07 17.75 -12.58
C LEU A 245 7.40 16.54 -11.97
N VAL A 246 7.20 16.57 -10.64
CA VAL A 246 6.36 15.63 -9.94
C VAL A 246 5.22 16.39 -9.30
N PHE A 247 4.00 15.88 -9.49
CA PHE A 247 2.84 16.41 -8.82
C PHE A 247 2.52 15.42 -7.73
N GLY A 248 2.19 15.89 -6.53
CA GLY A 248 1.84 14.96 -5.49
C GLY A 248 0.34 14.81 -5.35
N CYS A 249 -0.07 13.60 -5.06
CA CYS A 249 -1.46 13.20 -4.77
C CYS A 249 -1.49 12.08 -3.78
N GLY A 250 -2.28 12.27 -2.71
CA GLY A 250 -2.55 11.22 -1.76
C GLY A 250 -2.46 11.67 -0.29
N GLY A 251 -3.56 11.48 0.42
CA GLY A 251 -3.59 11.83 1.83
C GLY A 251 -3.55 13.29 2.20
N VAL A 252 -3.80 14.21 1.26
CA VAL A 252 -3.76 15.64 1.64
C VAL A 252 -5.07 16.03 2.30
N TYR A 253 -5.06 16.39 3.60
CA TYR A 253 -6.19 16.99 4.31
C TYR A 253 -5.86 18.39 4.86
N SER A 254 -4.61 18.77 4.85
CA SER A 254 -4.22 19.99 5.58
C SER A 254 -3.06 20.66 4.84
N GLY A 255 -2.82 21.91 5.21
CA GLY A 255 -1.62 22.59 4.68
C GLY A 255 -0.34 21.88 5.09
N GLU A 256 -0.30 21.24 6.26
CA GLU A 256 0.85 20.51 6.67
C GLU A 256 1.10 19.29 5.78
N ASP A 257 0.03 18.59 5.42
CA ASP A 257 0.17 17.45 4.53
C ASP A 257 0.73 17.93 3.16
N ALA A 258 0.23 19.07 2.68
CA ALA A 258 0.73 19.67 1.43
C ALA A 258 2.21 20.05 1.54
N PHE A 259 2.58 20.65 2.68
CA PHE A 259 3.96 21.03 2.94
C PHE A 259 4.87 19.80 2.88
N LEU A 260 4.45 18.65 3.38
CA LEU A 260 5.23 17.44 3.32
C LEU A 260 5.39 16.97 1.87
N HIS A 261 4.30 16.91 1.11
CA HIS A 261 4.40 16.65 -0.31
C HIS A 261 5.40 17.51 -1.03
N ILE A 262 5.38 18.81 -0.74
CA ILE A 262 6.25 19.74 -1.43
C ILE A 262 7.73 19.55 -1.00
N LEU A 263 7.97 19.34 0.29
CA LEU A 263 9.30 18.89 0.76
C LEU A 263 9.80 17.67 0.05
N ALA A 264 8.90 16.75 -0.25
CA ALA A 264 9.24 15.51 -0.97
C ALA A 264 9.56 15.71 -2.45
N GLY A 265 9.12 16.83 -2.99
CA GLY A 265 9.30 17.08 -4.40
C GLY A 265 8.12 17.60 -5.23
N ALA A 266 6.94 17.60 -4.65
CA ALA A 266 5.77 17.99 -5.41
C ALA A 266 5.77 19.43 -5.90
N SER A 267 5.33 19.63 -7.12
CA SER A 267 5.06 20.94 -7.65
C SER A 267 3.55 21.26 -7.43
N MET A 268 2.68 20.65 -8.20
CA MET A 268 1.25 20.75 -7.88
C MET A 268 0.93 19.68 -6.83
N VAL A 269 -0.11 19.95 -6.05
CA VAL A 269 -0.55 19.08 -5.02
C VAL A 269 -2.05 18.86 -5.23
N GLN A 270 -2.46 17.61 -5.44
CA GLN A 270 -3.82 17.27 -5.79
C GLN A 270 -4.50 16.72 -4.49
N VAL A 271 -5.83 16.89 -4.45
CA VAL A 271 -6.64 16.60 -3.33
C VAL A 271 -7.86 15.81 -3.82
N GLY A 272 -7.98 14.58 -3.36
CA GLY A 272 -9.05 13.63 -3.75
C GLY A 272 -10.03 13.49 -2.59
N THR A 273 -9.81 12.47 -1.78
CA THR A 273 -10.75 12.08 -0.72
C THR A 273 -11.14 13.29 0.15
N ALA A 274 -10.15 14.11 0.57
CA ALA A 274 -10.51 15.21 1.49
C ALA A 274 -11.44 16.20 0.81
N LEU A 275 -11.24 16.42 -0.50
CA LEU A 275 -12.12 17.27 -1.28
C LEU A 275 -13.53 16.66 -1.46
N GLN A 276 -13.58 15.39 -1.81
CA GLN A 276 -14.83 14.64 -1.82
C GLN A 276 -15.63 14.79 -0.53
N GLU A 277 -14.96 14.78 0.62
CA GLU A 277 -15.61 14.84 1.88
C GLU A 277 -15.96 16.26 2.30
N GLU A 278 -15.05 17.22 2.12
CA GLU A 278 -15.23 18.57 2.61
C GLU A 278 -15.84 19.55 1.63
N GLY A 279 -15.64 19.31 0.35
CA GLY A 279 -16.09 20.16 -0.68
C GLY A 279 -15.06 21.24 -0.98
N PRO A 280 -15.34 22.06 -1.98
CA PRO A 280 -14.33 22.96 -2.54
C PRO A 280 -13.81 24.09 -1.61
N GLY A 281 -14.55 24.36 -0.55
CA GLY A 281 -14.07 25.26 0.50
C GLY A 281 -12.76 24.81 1.05
N ILE A 282 -12.43 23.54 0.89
CA ILE A 282 -11.14 23.03 1.43
C ILE A 282 -9.96 23.84 0.85
N PHE A 283 -10.10 24.33 -0.39
CA PHE A 283 -8.95 25.04 -0.97
C PHE A 283 -8.52 26.30 -0.27
N THR A 284 -9.47 27.06 0.24
CA THR A 284 -9.11 28.27 0.99
C THR A 284 -8.39 27.91 2.31
N ARG A 285 -8.88 26.88 2.96
CA ARG A 285 -8.28 26.35 4.17
C ARG A 285 -6.87 25.84 3.93
N LEU A 286 -6.67 25.05 2.89
CA LEU A 286 -5.33 24.55 2.62
C LEU A 286 -4.31 25.65 2.32
N GLU A 287 -4.76 26.63 1.54
CA GLU A 287 -3.91 27.82 1.24
C GLU A 287 -3.51 28.57 2.49
N ASP A 288 -4.47 28.80 3.34
CA ASP A 288 -4.21 29.53 4.61
C ASP A 288 -3.25 28.76 5.49
N GLU A 289 -3.51 27.46 5.62
CA GLU A 289 -2.69 26.59 6.45
C GLU A 289 -1.23 26.50 5.92
N LEU A 290 -1.08 26.37 4.62
CA LEU A 290 0.22 26.28 4.04
C LEU A 290 0.97 27.59 4.26
N LEU A 291 0.30 28.70 3.97
CA LEU A 291 0.91 30.00 4.21
C LEU A 291 1.30 30.19 5.65
N GLU A 292 0.52 29.72 6.60
CA GLU A 292 0.93 29.86 7.97
C GLU A 292 2.20 29.08 8.33
N ILE A 293 2.35 27.88 7.79
CA ILE A 293 3.56 27.11 8.03
C ILE A 293 4.75 27.81 7.41
N MET A 294 4.59 28.28 6.18
CA MET A 294 5.65 29.08 5.52
C MET A 294 6.05 30.33 6.38
N ALA A 295 5.10 31.07 6.87
CA ALA A 295 5.43 32.27 7.69
C ALA A 295 6.19 31.90 8.95
N ARG A 296 5.77 30.85 9.62
CA ARG A 296 6.44 30.37 10.82
C ARG A 296 7.90 29.99 10.56
N LYS A 297 8.19 29.42 9.41
CA LYS A 297 9.49 28.93 9.02
C LYS A 297 10.31 29.97 8.30
N GLY A 298 9.71 31.12 7.98
CA GLY A 298 10.35 32.10 7.14
C GLY A 298 10.52 31.84 5.68
N TYR A 299 9.72 30.94 5.10
CA TYR A 299 9.78 30.61 3.70
C TYR A 299 8.88 31.59 2.92
N ARG A 300 9.43 32.20 1.88
CA ARG A 300 8.62 33.17 1.09
C ARG A 300 8.03 32.59 -0.19
N THR A 301 8.61 31.52 -0.72
CA THR A 301 8.13 30.90 -1.93
C THR A 301 8.23 29.37 -1.79
N LEU A 302 7.48 28.68 -2.67
CA LEU A 302 7.48 27.25 -2.66
C LEU A 302 8.86 26.66 -3.06
N GLU A 303 9.60 27.30 -3.93
CA GLU A 303 10.84 26.72 -4.39
C GLU A 303 11.90 26.78 -3.31
N GLU A 304 11.70 27.58 -2.27
CA GLU A 304 12.66 27.59 -1.14
C GLU A 304 12.72 26.26 -0.46
N PHE A 305 11.65 25.45 -0.52
CA PHE A 305 11.63 24.20 0.16
C PHE A 305 11.25 22.99 -0.66
N ARG A 306 10.84 23.16 -1.90
CA ARG A 306 10.44 22.01 -2.70
C ARG A 306 11.60 21.05 -2.85
N GLY A 307 11.39 19.79 -2.56
CA GLY A 307 12.41 18.76 -2.68
C GLY A 307 13.49 18.79 -1.65
N ARG A 308 13.36 19.67 -0.64
CA ARG A 308 14.44 19.85 0.32
C ARG A 308 14.25 19.03 1.63
N VAL A 309 13.42 17.97 1.58
CA VAL A 309 13.38 17.00 2.69
C VAL A 309 14.83 16.60 3.05
N LYS A 310 15.11 16.59 4.34
CA LYS A 310 16.39 16.18 4.87
C LYS A 310 16.41 14.70 5.17
N THR A 311 17.56 14.09 4.95
CA THR A 311 17.78 12.74 5.39
C THR A 311 18.73 12.73 6.59
N ILE A 312 18.84 11.61 7.26
CA ILE A 312 19.63 11.55 8.48
C ILE A 312 21.03 11.02 8.18
N GLU A 313 22.04 11.82 8.58
CA GLU A 313 23.49 11.38 8.65
C GLU A 313 24.04 10.54 7.54
N MET B 1 -16.89 -17.59 27.17
CA MET B 1 -15.49 -17.95 26.71
C MET B 1 -15.68 -19.24 25.97
N CYS B 2 -14.65 -20.01 25.73
CA CYS B 2 -13.24 -19.68 25.62
C CYS B 2 -12.93 -19.70 24.13
N LEU B 3 -11.75 -19.18 23.76
CA LEU B 3 -11.27 -18.92 22.38
C LEU B 3 -10.29 -19.98 21.88
N LYS B 4 -10.20 -21.10 22.55
CA LYS B 4 -9.27 -22.14 22.24
C LYS B 4 -9.54 -22.69 20.82
N LEU B 5 -8.48 -23.00 20.04
CA LEU B 5 -8.51 -23.63 18.73
C LEU B 5 -7.38 -24.67 18.48
N ASN B 6 -7.58 -25.56 17.50
CA ASN B 6 -6.68 -26.64 17.04
C ASN B 6 -6.34 -26.29 15.62
N LEU B 7 -5.06 -26.23 15.28
CA LEU B 7 -4.61 -26.26 13.92
C LEU B 7 -3.16 -26.64 13.75
N LEU B 8 -2.85 -27.14 12.59
CA LEU B 8 -1.54 -27.64 12.28
C LEU B 8 -1.12 -28.68 13.36
N ASP B 9 -2.07 -29.45 13.83
CA ASP B 9 -1.81 -30.54 14.84
C ASP B 9 -1.34 -29.99 16.19
N HIS B 10 -1.68 -28.74 16.46
CA HIS B 10 -1.37 -28.06 17.71
C HIS B 10 -2.63 -27.43 18.28
N VAL B 11 -2.64 -27.30 19.60
CA VAL B 11 -3.69 -26.59 20.28
C VAL B 11 -3.24 -25.18 20.68
N PHE B 12 -4.12 -24.20 20.45
CA PHE B 12 -3.88 -22.78 20.81
C PHE B 12 -5.01 -22.27 21.73
N ALA B 13 -4.63 -21.55 22.76
CA ALA B 13 -5.59 -21.06 23.83
C ALA B 13 -6.44 -19.97 23.22
N ASN B 14 -5.95 -19.33 22.17
CA ASN B 14 -6.62 -18.23 21.52
C ASN B 14 -5.84 -17.93 20.20
N PRO B 15 -6.44 -17.17 19.28
CA PRO B 15 -5.81 -17.03 17.98
C PRO B 15 -4.67 -15.98 17.90
N PHE B 16 -4.33 -15.34 19.01
CA PHE B 16 -3.38 -14.20 18.97
C PHE B 16 -1.96 -14.61 19.12
N MET B 17 -1.08 -13.94 18.36
CA MET B 17 0.39 -14.10 18.51
C MET B 17 1.09 -12.81 18.13
N ASN B 18 2.37 -12.69 18.47
CA ASN B 18 3.13 -11.60 17.94
C ASN B 18 3.32 -11.79 16.44
N ALA B 19 3.56 -10.66 15.77
CA ALA B 19 4.08 -10.61 14.40
C ALA B 19 5.59 -10.81 14.44
N ALA B 20 6.15 -11.56 13.47
CA ALA B 20 7.58 -11.72 13.38
C ALA B 20 8.30 -10.42 13.46
N GLY B 21 9.37 -10.37 14.25
CA GLY B 21 10.17 -9.15 14.34
C GLY B 21 9.85 -8.31 15.56
N VAL B 22 8.65 -8.50 16.11
CA VAL B 22 8.27 -7.72 17.30
C VAL B 22 8.30 -8.56 18.58
N LEU B 23 9.05 -8.09 19.55
CA LEU B 23 9.18 -8.74 20.83
C LEU B 23 9.62 -10.24 20.73
N CYS B 24 10.58 -10.50 19.86
CA CYS B 24 10.98 -11.87 19.67
C CYS B 24 12.40 -12.07 19.17
N SER B 25 13.27 -11.13 19.48
CA SER B 25 14.66 -11.19 19.02
C SER B 25 15.63 -11.87 19.97
N THR B 26 15.46 -11.60 21.25
CA THR B 26 16.31 -12.18 22.23
C THR B 26 15.66 -13.26 23.09
N GLU B 27 16.49 -13.96 23.89
CA GLU B 27 15.92 -14.96 24.79
C GLU B 27 14.93 -14.30 25.77
N GLU B 28 15.31 -13.13 26.26
CA GLU B 28 14.40 -12.31 27.06
C GLU B 28 13.09 -12.02 26.40
N ASP B 29 13.12 -11.64 25.13
CA ASP B 29 11.90 -11.30 24.40
C ASP B 29 11.04 -12.57 24.31
N LEU B 30 11.65 -13.69 23.94
CA LEU B 30 10.88 -14.91 23.73
C LEU B 30 10.26 -15.47 25.04
N ARG B 31 11.00 -15.37 26.16
CA ARG B 31 10.46 -15.67 27.47
C ARG B 31 9.27 -14.76 27.84
N CYS B 32 9.36 -13.48 27.47
CA CYS B 32 8.30 -12.51 27.74
C CYS B 32 7.06 -12.86 26.92
N MET B 33 7.24 -13.10 25.61
CA MET B 33 6.08 -13.57 24.79
C MET B 33 5.51 -14.89 25.32
N THR B 34 6.36 -15.80 25.78
CA THR B 34 5.86 -17.07 26.26
C THR B 34 5.04 -16.85 27.56
N ALA B 35 5.46 -15.90 28.37
CA ALA B 35 4.75 -15.60 29.64
C ALA B 35 3.44 -14.82 29.45
N SER B 36 3.30 -14.18 28.31
CA SER B 36 2.09 -13.45 27.95
C SER B 36 0.90 -14.35 27.77
N SER B 37 -0.25 -13.70 27.63
CA SER B 37 -1.49 -14.42 27.31
C SER B 37 -1.66 -14.80 25.88
N SER B 38 -0.66 -14.54 25.01
CA SER B 38 -0.87 -14.90 23.56
C SER B 38 -1.05 -16.41 23.40
N GLY B 39 -1.79 -16.80 22.38
CA GLY B 39 -1.92 -18.19 22.06
C GLY B 39 -0.74 -18.88 21.46
N ALA B 40 0.16 -18.10 20.87
CA ALA B 40 1.43 -18.60 20.28
C ALA B 40 2.45 -17.44 20.18
N LEU B 41 3.69 -17.75 19.74
CA LEU B 41 4.69 -16.75 19.47
C LEU B 41 5.47 -17.21 18.29
N VAL B 42 6.07 -16.25 17.63
CA VAL B 42 6.99 -16.47 16.50
C VAL B 42 8.31 -15.74 16.78
N SER B 43 9.43 -16.38 16.40
CA SER B 43 10.74 -15.83 16.67
C SER B 43 11.07 -14.85 15.52
N LYS B 44 12.02 -13.95 15.75
CA LYS B 44 12.50 -12.95 14.74
C LYS B 44 13.00 -13.70 13.49
N SER B 45 12.66 -13.28 12.28
CA SER B 45 13.24 -13.90 11.05
C SER B 45 14.78 -13.93 11.16
N CYS B 46 15.36 -15.08 10.86
CA CYS B 46 16.80 -15.22 11.03
C CYS B 46 17.54 -15.57 9.78
N THR B 47 18.81 -15.22 9.85
CA THR B 47 19.84 -15.58 8.86
C THR B 47 20.79 -16.62 9.48
N SER B 48 21.65 -17.23 8.65
CA SER B 48 22.58 -18.26 9.17
C SER B 48 23.48 -17.66 10.17
N ALA B 49 23.96 -16.46 9.87
CA ALA B 49 24.82 -15.71 10.82
C ALA B 49 24.09 -14.58 11.53
N PRO B 50 24.51 -14.23 12.77
CA PRO B 50 24.01 -13.01 13.39
C PRO B 50 24.17 -11.77 12.55
N ARG B 51 23.23 -10.80 12.68
CA ARG B 51 23.30 -9.52 12.05
C ARG B 51 23.05 -8.43 13.08
N ASP B 52 23.80 -7.32 12.99
CA ASP B 52 23.59 -6.11 13.77
C ASP B 52 22.41 -5.27 13.19
N GLY B 53 22.10 -5.48 11.92
CA GLY B 53 21.11 -4.65 11.23
C GLY B 53 21.59 -3.24 10.93
N ASN B 54 20.66 -2.38 10.57
CA ASN B 54 20.94 -1.04 10.13
C ASN B 54 21.17 -0.05 11.25
N PRO B 55 21.76 1.13 10.87
CA PRO B 55 21.94 2.22 11.83
C PRO B 55 20.59 2.75 12.37
N GLU B 56 20.63 3.23 13.61
CA GLU B 56 19.49 3.82 14.30
C GLU B 56 19.47 5.30 14.05
N PRO B 57 18.25 5.90 14.05
CA PRO B 57 16.97 5.28 14.27
C PRO B 57 16.50 4.48 13.06
N ARG B 58 15.89 3.32 13.30
CA ARG B 58 15.47 2.42 12.24
C ARG B 58 14.00 1.92 12.37
N TYR B 59 13.37 2.31 13.47
CA TYR B 59 11.95 2.16 13.75
C TYR B 59 11.40 3.43 14.35
N MET B 60 10.22 3.85 13.93
CA MET B 60 9.48 4.96 14.54
C MET B 60 7.98 4.68 14.47
N ALA B 61 7.26 5.05 15.50
CA ALA B 61 5.83 4.94 15.53
C ALA B 61 5.13 6.24 15.80
N PHE B 62 3.90 6.29 15.35
CA PHE B 62 3.04 7.47 15.31
C PHE B 62 1.61 7.01 15.50
N PRO B 63 0.69 7.94 15.63
CA PRO B 63 -0.67 7.57 15.94
C PRO B 63 -1.30 6.64 14.95
N LEU B 64 -0.96 6.77 13.67
CA LEU B 64 -1.53 5.90 12.68
C LEU B 64 -0.68 4.72 12.31
N GLY B 65 0.52 4.57 12.89
CA GLY B 65 1.29 3.39 12.59
C GLY B 65 2.77 3.59 12.72
N SER B 66 3.51 2.73 12.05
CA SER B 66 4.95 2.63 12.21
C SER B 66 5.64 2.51 10.86
N ILE B 67 6.93 2.88 10.90
CA ILE B 67 7.81 2.73 9.73
C ILE B 67 9.10 2.09 10.23
N ASN B 68 9.61 1.13 9.49
CA ASN B 68 10.88 0.48 9.84
C ASN B 68 11.70 0.07 8.67
N SER B 69 13.05 0.21 8.90
CA SER B 69 14.04 -0.39 8.00
C SER B 69 15.12 -0.99 8.88
N MET B 70 14.74 -2.07 9.55
CA MET B 70 15.59 -2.63 10.59
C MET B 70 16.85 -3.24 10.03
N GLY B 71 16.78 -3.85 8.84
CA GLY B 71 17.90 -4.60 8.25
C GLY B 71 18.16 -5.94 8.89
N LEU B 72 17.09 -6.58 9.31
CA LEU B 72 17.12 -7.88 9.88
C LEU B 72 18.17 -8.13 10.96
N PRO B 73 18.23 -7.26 11.97
CA PRO B 73 19.07 -7.56 13.13
C PRO B 73 18.56 -8.83 13.76
N ASN B 74 19.40 -9.80 14.10
CA ASN B 74 18.95 -11.06 14.69
C ASN B 74 20.16 -11.78 15.23
N LEU B 75 19.90 -12.69 16.15
CA LEU B 75 20.98 -13.40 16.85
C LEU B 75 21.54 -14.62 16.08
N GLY B 76 21.04 -14.83 14.88
CA GLY B 76 21.47 -15.92 14.02
C GLY B 76 20.69 -17.22 14.26
N PHE B 77 20.67 -18.05 13.22
CA PHE B 77 19.88 -19.27 13.23
C PHE B 77 20.26 -20.22 14.38
N ASP B 78 21.55 -20.34 14.70
CA ASP B 78 21.90 -21.28 15.76
C ASP B 78 21.17 -20.95 17.09
N PHE B 79 21.06 -19.66 17.39
CA PHE B 79 20.39 -19.20 18.58
C PHE B 79 18.89 -19.61 18.58
N TYR B 80 18.20 -19.29 17.48
CA TYR B 80 16.76 -19.56 17.42
C TYR B 80 16.52 -21.05 17.43
N LEU B 81 17.36 -21.81 16.73
CA LEU B 81 17.24 -23.28 16.78
C LEU B 81 17.42 -23.83 18.21
N LYS B 82 18.39 -23.32 18.91
CA LYS B 82 18.66 -23.73 20.29
C LYS B 82 17.51 -23.34 21.19
N TYR B 83 16.94 -22.13 20.96
CA TYR B 83 15.71 -21.80 21.69
C TYR B 83 14.58 -22.83 21.45
N ALA B 84 14.33 -23.18 20.18
CA ALA B 84 13.27 -24.12 19.82
C ALA B 84 13.54 -25.53 20.42
N SER B 85 14.82 -25.89 20.44
CA SER B 85 15.23 -27.24 20.80
C SER B 85 15.37 -27.49 22.31
N ASP B 86 15.88 -26.51 23.02
CA ASP B 86 16.27 -26.64 24.42
C ASP B 86 15.57 -25.74 25.38
N LEU B 87 15.12 -24.55 24.96
CA LEU B 87 14.65 -23.55 25.93
C LEU B 87 13.12 -23.34 25.93
N HIS B 88 12.49 -23.43 24.79
CA HIS B 88 11.06 -23.13 24.77
C HIS B 88 10.24 -24.13 25.57
N ASP B 89 9.31 -23.61 26.36
CA ASP B 89 8.39 -24.50 27.07
C ASP B 89 7.10 -24.71 26.23
N TYR B 90 7.05 -25.86 25.54
CA TYR B 90 5.92 -26.18 24.67
C TYR B 90 4.61 -26.43 25.41
N SER B 91 4.67 -26.69 26.71
CA SER B 91 3.46 -26.82 27.49
C SER B 91 2.74 -25.45 27.62
N LYS B 92 3.47 -24.34 27.45
CA LYS B 92 2.84 -23.03 27.57
C LYS B 92 2.12 -22.64 26.30
N LYS B 93 2.74 -22.88 25.14
CA LYS B 93 2.07 -22.56 23.85
C LYS B 93 2.95 -23.00 22.68
N PRO B 94 2.39 -23.01 21.47
CA PRO B 94 3.21 -23.34 20.30
C PRO B 94 4.20 -22.26 19.94
N LEU B 95 5.25 -22.70 19.29
CA LEU B 95 6.28 -21.83 18.80
C LEU B 95 6.41 -21.95 17.29
N PHE B 96 6.48 -20.80 16.60
CA PHE B 96 6.84 -20.70 15.23
C PHE B 96 8.26 -20.09 15.15
N LEU B 97 9.08 -20.60 14.26
CA LEU B 97 10.38 -20.06 14.01
C LEU B 97 10.39 -19.46 12.58
N SER B 98 10.76 -18.19 12.44
CA SER B 98 10.80 -17.54 11.16
C SER B 98 12.22 -17.49 10.62
N ILE B 99 12.34 -17.76 9.32
CA ILE B 99 13.58 -17.78 8.58
C ILE B 99 13.51 -16.83 7.40
N SER B 100 14.59 -16.09 7.17
CA SER B 100 14.69 -15.29 5.98
C SER B 100 16.14 -15.16 5.51
N GLY B 101 16.63 -16.22 4.91
CA GLY B 101 17.97 -16.22 4.40
C GLY B 101 18.14 -15.30 3.22
N LEU B 102 19.39 -14.93 2.93
CA LEU B 102 19.71 -14.00 1.85
C LEU B 102 19.78 -14.68 0.48
N SER B 103 19.67 -16.02 0.42
CA SER B 103 19.64 -16.77 -0.83
C SER B 103 18.87 -18.03 -0.60
N VAL B 104 18.49 -18.67 -1.69
CA VAL B 104 17.85 -19.97 -1.58
C VAL B 104 18.75 -20.96 -0.84
N GLU B 105 20.06 -20.93 -1.09
CA GLU B 105 20.94 -21.89 -0.46
C GLU B 105 21.01 -21.79 1.05
N GLU B 106 20.99 -20.55 1.51
CA GLU B 106 20.99 -20.26 2.93
C GLU B 106 19.69 -20.75 3.59
N ASN B 107 18.56 -20.45 2.94
CA ASN B 107 17.29 -21.08 3.42
C ASN B 107 17.30 -22.59 3.48
N VAL B 108 17.79 -23.25 2.43
CA VAL B 108 17.86 -24.68 2.40
C VAL B 108 18.75 -25.23 3.53
N ALA B 109 19.90 -24.61 3.76
CA ALA B 109 20.75 -25.03 4.83
C ALA B 109 20.10 -24.93 6.19
N MET B 110 19.37 -23.83 6.40
CA MET B 110 18.70 -23.65 7.70
C MET B 110 17.57 -24.68 7.83
N VAL B 111 16.76 -24.85 6.78
CA VAL B 111 15.62 -25.74 6.95
C VAL B 111 16.00 -27.24 7.11
N ARG B 112 17.15 -27.65 6.51
CA ARG B 112 17.64 -29.07 6.74
C ARG B 112 17.93 -29.30 8.18
N ARG B 113 18.45 -28.30 8.89
CA ARG B 113 18.72 -28.42 10.32
C ARG B 113 17.52 -28.28 11.21
N LEU B 114 16.52 -27.48 10.74
CA LEU B 114 15.32 -27.27 11.49
C LEU B 114 14.42 -28.55 11.49
N ALA B 115 14.36 -29.26 10.38
CA ALA B 115 13.52 -30.41 10.20
C ALA B 115 13.56 -31.38 11.37
N PRO B 116 14.75 -31.86 11.77
CA PRO B 116 14.73 -32.77 12.94
C PRO B 116 14.18 -32.21 14.22
N VAL B 117 14.43 -30.91 14.49
CA VAL B 117 13.83 -30.23 15.64
C VAL B 117 12.27 -30.07 15.53
N ALA B 118 11.80 -29.76 14.34
CA ALA B 118 10.36 -29.72 14.07
C ALA B 118 9.76 -31.12 14.33
N GLN B 119 10.43 -32.20 13.88
CA GLN B 119 9.94 -33.53 14.17
C GLN B 119 9.91 -33.81 15.64
N GLU B 120 10.98 -33.46 16.35
CA GLU B 120 11.14 -33.84 17.74
C GLU B 120 10.24 -32.96 18.65
N LYS B 121 10.22 -31.65 18.38
CA LYS B 121 9.59 -30.69 19.33
C LYS B 121 8.25 -30.10 18.83
N GLY B 122 8.04 -30.14 17.53
CA GLY B 122 6.85 -29.58 16.96
C GLY B 122 6.91 -28.06 16.70
N VAL B 123 8.07 -27.45 16.81
CA VAL B 123 8.26 -26.07 16.29
C VAL B 123 7.79 -25.98 14.80
N LEU B 124 7.11 -24.87 14.47
CA LEU B 124 6.57 -24.64 13.14
C LEU B 124 7.34 -23.61 12.36
N LEU B 125 7.61 -23.87 11.13
CA LEU B 125 8.37 -22.94 10.30
C LEU B 125 7.42 -21.93 9.60
N GLU B 126 7.80 -20.63 9.71
CA GLU B 126 7.30 -19.53 8.88
C GLU B 126 8.44 -18.98 8.03
N LEU B 127 8.32 -19.19 6.71
CA LEU B 127 9.32 -18.75 5.80
C LEU B 127 9.01 -17.37 5.28
N ASN B 128 9.88 -16.43 5.55
CA ASN B 128 9.65 -15.01 5.18
C ASN B 128 10.13 -14.74 3.77
N LEU B 129 9.20 -14.60 2.81
CA LEU B 129 9.53 -14.37 1.42
C LEU B 129 9.75 -12.93 0.99
N SER B 130 9.73 -12.00 1.92
CA SER B 130 10.16 -10.60 1.68
C SER B 130 11.65 -10.46 1.87
N CYS B 131 12.43 -11.22 1.15
CA CYS B 131 13.87 -11.38 1.34
C CYS B 131 14.58 -11.00 0.02
N PRO B 132 15.88 -10.75 0.14
CA PRO B 132 16.58 -10.23 -1.02
C PRO B 132 16.72 -11.23 -2.16
N ASN B 133 16.83 -10.66 -3.35
CA ASN B 133 16.80 -11.40 -4.58
C ASN B 133 18.06 -11.09 -5.36
N VAL B 134 18.13 -11.63 -6.57
CA VAL B 134 19.31 -11.44 -7.41
C VAL B 134 19.30 -10.04 -7.97
N PRO B 135 20.42 -9.63 -8.60
CA PRO B 135 20.48 -8.22 -9.02
C PRO B 135 19.39 -7.81 -9.94
N GLY B 136 18.86 -6.60 -9.66
CA GLY B 136 17.87 -5.95 -10.53
C GLY B 136 16.44 -6.37 -10.26
N LYS B 137 16.28 -7.37 -9.42
CA LYS B 137 14.98 -7.91 -9.17
C LYS B 137 14.41 -7.42 -7.82
N PRO B 138 13.01 -7.52 -7.79
CA PRO B 138 12.42 -7.12 -6.52
C PRO B 138 12.53 -8.22 -5.44
N GLN B 139 11.91 -8.00 -4.28
CA GLN B 139 11.94 -8.99 -3.23
C GLN B 139 11.35 -10.26 -3.81
N VAL B 140 11.76 -11.39 -3.27
CA VAL B 140 11.45 -12.67 -3.87
C VAL B 140 9.93 -12.88 -4.08
N ALA B 141 9.15 -12.45 -3.12
CA ALA B 141 7.70 -12.68 -3.21
C ALA B 141 7.06 -11.86 -4.33
N TYR B 142 7.80 -10.87 -4.81
CA TYR B 142 7.38 -10.02 -5.96
C TYR B 142 7.95 -10.49 -7.34
N ASP B 143 8.68 -11.60 -7.30
CA ASP B 143 9.30 -12.30 -8.44
C ASP B 143 8.81 -13.76 -8.41
N PHE B 144 7.74 -14.01 -9.13
CA PHE B 144 6.99 -15.24 -8.98
C PHE B 144 7.82 -16.45 -9.38
N GLU B 145 8.78 -16.27 -10.28
CA GLU B 145 9.64 -17.41 -10.63
C GLU B 145 10.62 -17.67 -9.51
N ALA B 146 11.14 -16.66 -8.85
CA ALA B 146 11.98 -16.91 -7.70
C ALA B 146 11.21 -17.56 -6.55
N MET B 147 10.02 -17.08 -6.37
CA MET B 147 9.22 -17.60 -5.28
C MET B 147 8.98 -19.12 -5.48
N ARG B 148 8.68 -19.49 -6.71
CA ARG B 148 8.46 -20.88 -7.00
C ARG B 148 9.72 -21.71 -6.74
N THR B 149 10.87 -21.21 -7.19
CA THR B 149 12.16 -21.86 -6.86
C THR B 149 12.40 -22.02 -5.39
N TYR B 150 12.14 -20.94 -4.63
CA TYR B 150 12.39 -21.03 -3.24
C TYR B 150 11.51 -22.10 -2.62
N LEU B 151 10.23 -22.12 -2.98
CA LEU B 151 9.28 -23.07 -2.38
C LEU B 151 9.61 -24.49 -2.82
N GLN B 152 10.08 -24.62 -4.04
CA GLN B 152 10.49 -25.98 -4.52
C GLN B 152 11.65 -26.50 -3.70
N GLN B 153 12.64 -25.65 -3.50
CA GLN B 153 13.85 -26.06 -2.77
C GLN B 153 13.61 -26.28 -1.28
N VAL B 154 12.79 -25.39 -0.65
CA VAL B 154 12.54 -25.52 0.75
C VAL B 154 11.64 -26.75 0.95
N SER B 155 10.65 -26.95 0.09
CA SER B 155 9.77 -28.11 0.24
C SER B 155 10.61 -29.40 0.23
N LEU B 156 11.55 -29.46 -0.72
CA LEU B 156 12.38 -30.67 -0.83
C LEU B 156 13.32 -30.86 0.34
N ALA B 157 13.93 -29.77 0.77
CA ALA B 157 14.92 -29.76 1.86
C ALA B 157 14.29 -30.01 3.22
N TYR B 158 13.09 -29.46 3.46
CA TYR B 158 12.45 -29.54 4.75
C TYR B 158 11.56 -30.77 4.91
N GLY B 159 10.69 -30.97 3.94
CA GLY B 159 9.83 -32.13 3.84
C GLY B 159 8.71 -32.25 4.81
N LEU B 160 8.40 -31.14 5.49
CA LEU B 160 7.38 -31.14 6.53
C LEU B 160 6.46 -29.91 6.27
N PRO B 161 5.24 -29.90 6.82
CA PRO B 161 4.33 -28.74 6.70
C PRO B 161 5.00 -27.51 7.18
N PHE B 162 4.83 -26.41 6.45
CA PHE B 162 5.35 -25.09 6.85
C PHE B 162 4.44 -23.98 6.34
N GLY B 163 4.73 -22.75 6.71
CA GLY B 163 4.02 -21.60 6.18
C GLY B 163 4.89 -20.56 5.58
N VAL B 164 4.25 -19.59 4.92
CA VAL B 164 4.95 -18.52 4.24
C VAL B 164 4.37 -17.16 4.65
N LYS B 165 5.26 -16.25 5.01
CA LYS B 165 4.94 -14.84 5.28
C LYS B 165 5.06 -14.10 3.97
N MET B 166 3.95 -13.46 3.57
CA MET B 166 3.80 -12.77 2.30
C MET B 166 3.75 -11.26 2.46
N PRO B 167 4.35 -10.51 1.50
CA PRO B 167 4.09 -9.12 1.40
C PRO B 167 2.68 -8.87 0.83
N PRO B 168 2.14 -7.64 1.03
CA PRO B 168 0.87 -7.31 0.38
C PRO B 168 0.98 -7.18 -1.11
N TYR B 169 -0.09 -7.56 -1.75
CA TYR B 169 -0.28 -7.29 -3.19
C TYR B 169 -1.43 -6.33 -3.40
N PHE B 170 -1.47 -5.71 -4.60
CA PHE B 170 -2.34 -4.57 -4.87
C PHE B 170 -3.10 -4.67 -6.17
N ASP B 171 -3.01 -5.85 -6.80
CA ASP B 171 -3.51 -6.05 -8.14
C ASP B 171 -4.10 -7.45 -8.19
N ILE B 172 -5.30 -7.55 -8.74
CA ILE B 172 -6.03 -8.85 -8.69
C ILE B 172 -5.28 -9.92 -9.50
N ALA B 173 -4.62 -9.50 -10.61
CA ALA B 173 -3.81 -10.50 -11.34
C ALA B 173 -2.64 -11.04 -10.49
N HIS B 174 -2.02 -10.19 -9.66
CA HIS B 174 -1.00 -10.65 -8.78
C HIS B 174 -1.51 -11.60 -7.71
N PHE B 175 -2.66 -11.28 -7.15
CA PHE B 175 -3.28 -12.26 -6.22
C PHE B 175 -3.45 -13.62 -6.92
N ASP B 176 -4.03 -13.56 -8.13
CA ASP B 176 -4.20 -14.84 -8.88
C ASP B 176 -2.88 -15.58 -9.12
N THR B 177 -1.81 -14.89 -9.52
CA THR B 177 -0.55 -15.54 -9.80
C THR B 177 0.07 -16.06 -8.53
N ALA B 178 0.03 -15.26 -7.45
CA ALA B 178 0.76 -15.63 -6.26
C ALA B 178 0.11 -16.84 -5.58
N ALA B 179 -1.22 -16.86 -5.56
CA ALA B 179 -1.95 -17.93 -4.95
C ALA B 179 -1.75 -19.24 -5.74
N ALA B 180 -1.70 -19.11 -7.06
CA ALA B 180 -1.44 -20.28 -7.91
C ALA B 180 -0.09 -20.82 -7.63
N VAL B 181 0.92 -19.98 -7.43
CA VAL B 181 2.25 -20.47 -7.02
C VAL B 181 2.17 -21.25 -5.71
N LEU B 182 1.57 -20.64 -4.67
CA LEU B 182 1.51 -21.31 -3.37
C LEU B 182 0.79 -22.63 -3.45
N ASN B 183 -0.27 -22.65 -4.25
CA ASN B 183 -1.07 -23.86 -4.40
C ASN B 183 -0.35 -25.03 -5.14
N GLU B 184 0.82 -24.80 -5.70
CA GLU B 184 1.72 -25.86 -6.26
C GLU B 184 2.36 -26.69 -5.18
N PHE B 185 2.40 -26.13 -3.95
CA PHE B 185 3.17 -26.68 -2.81
C PHE B 185 2.28 -27.21 -1.72
N PRO B 186 2.05 -28.53 -1.69
CA PRO B 186 1.21 -29.04 -0.66
C PRO B 186 1.70 -28.92 0.77
N LEU B 187 3.00 -28.77 0.93
CA LEU B 187 3.58 -28.67 2.29
C LEU B 187 3.35 -27.24 2.82
N VAL B 188 2.92 -26.32 1.95
CA VAL B 188 2.67 -24.97 2.49
C VAL B 188 1.25 -25.01 3.03
N LYS B 189 1.14 -25.08 4.33
CA LYS B 189 -0.10 -25.29 5.00
C LYS B 189 -0.72 -24.00 5.57
N PHE B 190 0.08 -22.97 5.71
CA PHE B 190 -0.50 -21.66 6.14
C PHE B 190 0.21 -20.52 5.41
N VAL B 191 -0.55 -19.45 5.19
CA VAL B 191 -0.08 -18.29 4.48
C VAL B 191 -0.36 -17.12 5.44
N THR B 192 0.67 -16.36 5.80
CA THR B 192 0.48 -15.21 6.68
C THR B 192 0.49 -13.93 5.83
N CYS B 193 -0.63 -13.26 5.87
CA CYS B 193 -0.82 -12.01 5.10
C CYS B 193 -1.10 -10.94 6.13
N VAL B 194 -0.31 -9.84 6.28
CA VAL B 194 0.75 -9.41 5.41
C VAL B 194 1.95 -8.89 6.22
N ASN B 195 3.09 -8.92 5.52
CA ASN B 195 4.28 -8.17 5.92
C ASN B 195 3.98 -6.65 5.74
N SER B 196 4.86 -5.79 6.20
CA SER B 196 4.71 -4.36 6.11
C SER B 196 4.53 -3.92 4.65
N VAL B 197 3.78 -2.84 4.49
CA VAL B 197 3.57 -2.22 3.18
C VAL B 197 4.87 -1.46 2.78
N GLY B 198 5.48 -1.89 1.71
CA GLY B 198 6.87 -1.61 1.48
C GLY B 198 7.17 -0.17 1.11
N ASN B 199 8.31 0.34 1.59
CA ASN B 199 8.89 1.59 1.10
C ASN B 199 7.94 2.81 1.10
N GLY B 200 7.30 3.00 2.24
CA GLY B 200 6.70 4.26 2.57
C GLY B 200 7.74 5.23 3.06
N LEU B 201 7.26 6.47 3.30
CA LEU B 201 8.14 7.55 3.74
C LEU B 201 7.39 8.45 4.64
N VAL B 202 7.86 8.53 5.90
CA VAL B 202 7.31 9.45 6.85
C VAL B 202 8.27 10.64 7.02
N ILE B 203 7.67 11.84 6.96
CA ILE B 203 8.41 13.10 7.05
C ILE B 203 7.86 13.89 8.21
N ASP B 204 8.76 14.44 9.02
CA ASP B 204 8.39 15.30 10.16
C ASP B 204 8.36 16.77 9.67
N ALA B 205 7.20 17.40 9.78
CA ALA B 205 7.05 18.74 9.29
C ALA B 205 7.94 19.76 10.01
N GLU B 206 8.06 19.64 11.31
CA GLU B 206 8.84 20.63 12.02
C GLU B 206 10.32 20.63 11.65
N SER B 207 10.90 19.45 11.64
CA SER B 207 12.29 19.27 11.33
C SER B 207 12.60 19.27 9.85
N GLU B 208 11.55 19.06 9.06
CA GLU B 208 11.67 18.92 7.62
C GLU B 208 12.55 17.70 7.22
N SER B 209 12.52 16.68 8.07
CA SER B 209 13.37 15.52 7.94
C SER B 209 12.63 14.20 7.91
N VAL B 210 13.14 13.23 7.20
CA VAL B 210 12.67 11.85 7.40
C VAL B 210 12.96 11.41 8.84
N VAL B 211 12.29 10.33 9.29
CA VAL B 211 12.33 9.95 10.72
C VAL B 211 13.15 8.66 10.97
N ILE B 212 13.55 7.94 9.92
CA ILE B 212 14.50 6.84 10.06
C ILE B 212 15.74 7.08 9.15
N LYS B 213 16.88 6.63 9.64
CA LYS B 213 18.17 6.85 9.00
C LYS B 213 18.44 5.98 7.79
N PRO B 214 18.17 4.67 7.85
CA PRO B 214 18.48 3.89 6.63
C PRO B 214 17.66 4.27 5.40
N LYS B 215 18.20 3.96 4.21
CA LYS B 215 17.44 4.08 2.96
C LYS B 215 16.79 5.44 2.74
N GLN B 216 17.46 6.51 3.16
CA GLN B 216 16.95 7.85 2.98
C GLN B 216 15.52 8.08 3.55
N GLY B 217 15.20 7.35 4.59
CA GLY B 217 13.97 7.47 5.34
C GLY B 217 12.90 6.47 4.84
N PHE B 218 13.13 5.76 3.76
CA PHE B 218 12.12 4.78 3.23
C PHE B 218 12.09 3.54 4.11
N GLY B 219 10.91 3.00 4.39
CA GLY B 219 10.75 1.77 5.16
C GLY B 219 9.35 1.19 5.11
N GLY B 220 9.20 0.00 5.67
CA GLY B 220 7.92 -0.67 5.62
C GLY B 220 6.96 -0.08 6.62
N LEU B 221 5.71 0.00 6.21
CA LEU B 221 4.64 0.53 7.08
C LEU B 221 3.85 -0.54 7.75
N GLY B 222 3.55 -0.30 9.03
CA GLY B 222 2.57 -1.08 9.67
C GLY B 222 1.57 -0.25 10.47
N GLY B 223 0.60 -0.94 11.09
CA GLY B 223 -0.36 -0.30 11.88
C GLY B 223 -1.65 0.15 11.19
N LYS B 224 -2.25 1.26 11.67
CA LYS B 224 -3.55 1.65 11.14
C LYS B 224 -3.56 1.99 9.66
N TYR B 225 -2.46 2.48 9.15
CA TYR B 225 -2.37 2.68 7.72
C TYR B 225 -2.76 1.47 6.85
N ILE B 226 -2.51 0.25 7.37
CA ILE B 226 -2.46 -0.93 6.52
C ILE B 226 -3.60 -1.93 6.70
N LEU B 227 -4.54 -1.61 7.56
CA LEU B 227 -5.62 -2.60 7.91
C LEU B 227 -6.43 -2.98 6.67
N PRO B 228 -6.90 -2.00 5.86
CA PRO B 228 -7.70 -2.46 4.69
C PRO B 228 -6.89 -3.29 3.66
N THR B 229 -5.61 -2.95 3.48
CA THR B 229 -4.66 -3.73 2.71
C THR B 229 -4.54 -5.15 3.23
N ALA B 230 -4.34 -5.24 4.53
CA ALA B 230 -4.17 -6.55 5.16
C ALA B 230 -5.41 -7.39 5.01
N LEU B 231 -6.60 -6.81 5.27
CA LEU B 231 -7.84 -7.54 5.15
C LEU B 231 -8.06 -8.04 3.73
N ALA B 232 -7.69 -7.20 2.75
CA ALA B 232 -7.88 -7.60 1.35
C ALA B 232 -6.98 -8.79 1.02
N ASN B 233 -5.74 -8.75 1.47
CA ASN B 233 -4.85 -9.87 1.19
C ASN B 233 -5.27 -11.12 1.92
N VAL B 234 -5.69 -10.99 3.17
CA VAL B 234 -6.20 -12.17 3.92
C VAL B 234 -7.35 -12.80 3.12
N ASN B 235 -8.29 -11.98 2.71
CA ASN B 235 -9.51 -12.53 2.04
C ASN B 235 -9.16 -13.06 0.66
N ALA B 236 -8.25 -12.39 -0.07
CA ALA B 236 -7.93 -12.85 -1.38
C ALA B 236 -7.31 -14.23 -1.36
N PHE B 237 -6.38 -14.44 -0.38
CA PHE B 237 -5.75 -15.73 -0.24
C PHE B 237 -6.66 -16.75 0.39
N TYR B 238 -7.55 -16.32 1.25
CA TYR B 238 -8.52 -17.23 1.83
C TYR B 238 -9.39 -17.81 0.75
N ARG B 239 -9.82 -16.96 -0.18
CA ARG B 239 -10.65 -17.39 -1.31
C ARG B 239 -9.89 -18.34 -2.27
N ARG B 240 -8.62 -18.06 -2.51
CA ARG B 240 -7.82 -18.73 -3.56
C ARG B 240 -7.12 -19.97 -3.04
N CYS B 241 -7.03 -20.13 -1.72
CA CYS B 241 -6.23 -21.27 -1.16
C CYS B 241 -7.12 -22.01 -0.21
N PRO B 242 -8.12 -22.72 -0.75
CA PRO B 242 -9.04 -23.37 0.15
C PRO B 242 -8.50 -24.50 0.94
N ASP B 243 -7.37 -25.08 0.58
CA ASP B 243 -6.80 -26.18 1.32
C ASP B 243 -5.66 -25.74 2.23
N LYS B 244 -5.49 -24.44 2.40
CA LYS B 244 -4.54 -23.88 3.30
C LYS B 244 -5.22 -23.02 4.38
N LEU B 245 -4.48 -22.74 5.44
CA LEU B 245 -4.94 -21.78 6.46
C LEU B 245 -4.38 -20.43 6.06
N VAL B 246 -5.07 -19.34 6.45
CA VAL B 246 -4.53 -18.00 6.33
C VAL B 246 -4.36 -17.43 7.70
N PHE B 247 -3.21 -16.82 7.95
CA PHE B 247 -2.99 -16.07 9.20
C PHE B 247 -3.02 -14.63 8.88
N GLY B 248 -3.76 -13.83 9.66
CA GLY B 248 -3.83 -12.40 9.36
C GLY B 248 -2.84 -11.63 10.18
N CYS B 249 -2.26 -10.63 9.55
CA CYS B 249 -1.38 -9.68 10.15
C CYS B 249 -1.49 -8.32 9.49
N GLY B 250 -1.68 -7.27 10.29
CA GLY B 250 -1.62 -5.93 9.82
C GLY B 250 -2.74 -5.10 10.38
N GLY B 251 -2.36 -4.07 11.13
CA GLY B 251 -3.28 -3.11 11.65
C GLY B 251 -4.20 -3.59 12.75
N VAL B 252 -3.80 -4.66 13.48
CA VAL B 252 -4.60 -5.09 14.62
C VAL B 252 -4.28 -4.27 15.87
N TYR B 253 -5.23 -3.48 16.36
CA TYR B 253 -5.10 -2.76 17.64
C TYR B 253 -6.17 -3.13 18.64
N SER B 254 -7.21 -3.84 18.21
CA SER B 254 -8.38 -4.13 19.04
C SER B 254 -8.96 -5.44 18.69
N GLY B 255 -9.84 -5.90 19.56
CA GLY B 255 -10.63 -7.12 19.27
C GLY B 255 -11.51 -6.95 18.05
N GLU B 256 -12.00 -5.73 17.80
CA GLU B 256 -12.77 -5.48 16.60
C GLU B 256 -11.91 -5.67 15.36
N ASP B 257 -10.70 -5.16 15.39
CA ASP B 257 -9.79 -5.36 14.25
C ASP B 257 -9.49 -6.83 14.03
N ALA B 258 -9.27 -7.58 15.11
CA ALA B 258 -9.13 -9.05 15.03
C ALA B 258 -10.34 -9.79 14.47
N PHE B 259 -11.52 -9.32 14.89
CA PHE B 259 -12.81 -9.80 14.40
C PHE B 259 -12.90 -9.65 12.86
N LEU B 260 -12.45 -8.51 12.35
CA LEU B 260 -12.49 -8.25 10.94
C LEU B 260 -11.51 -9.15 10.16
N HIS B 261 -10.28 -9.36 10.68
CA HIS B 261 -9.39 -10.30 10.12
C HIS B 261 -9.99 -11.72 10.06
N ILE B 262 -10.66 -12.15 11.14
CA ILE B 262 -11.24 -13.47 11.17
C ILE B 262 -12.42 -13.58 10.18
N LEU B 263 -13.23 -12.54 10.08
CA LEU B 263 -14.31 -12.50 9.11
C LEU B 263 -13.73 -12.67 7.68
N ALA B 264 -12.58 -12.03 7.45
CA ALA B 264 -11.92 -12.08 6.15
C ALA B 264 -11.33 -13.46 5.87
N GLY B 265 -11.12 -14.29 6.90
CA GLY B 265 -10.57 -15.63 6.71
C GLY B 265 -9.42 -16.05 7.63
N ALA B 266 -8.99 -15.16 8.53
CA ALA B 266 -7.83 -15.43 9.38
C ALA B 266 -8.09 -16.53 10.40
N SER B 267 -7.11 -17.44 10.50
CA SER B 267 -7.14 -18.49 11.54
C SER B 267 -6.37 -18.00 12.80
N MET B 268 -5.13 -17.60 12.63
CA MET B 268 -4.41 -16.93 13.71
C MET B 268 -4.35 -15.46 13.29
N VAL B 269 -4.20 -14.57 14.28
CA VAL B 269 -4.13 -13.12 14.09
C VAL B 269 -2.82 -12.66 14.81
N GLN B 270 -1.95 -12.02 14.04
CA GLN B 270 -0.66 -11.57 14.50
C GLN B 270 -0.76 -10.07 14.79
N VAL B 271 0.05 -9.63 15.76
CA VAL B 271 0.05 -8.24 16.21
C VAL B 271 1.49 -7.73 16.19
N GLY B 272 1.78 -6.68 15.40
CA GLY B 272 3.10 -6.13 15.22
C GLY B 272 3.18 -4.79 15.92
N THR B 273 2.93 -3.73 15.16
CA THR B 273 3.02 -2.33 15.65
C THR B 273 2.34 -2.13 16.99
N ALA B 274 1.11 -2.61 17.12
CA ALA B 274 0.37 -2.30 18.38
C ALA B 274 1.00 -2.97 19.59
N LEU B 275 1.57 -4.14 19.36
CA LEU B 275 2.35 -4.88 20.38
C LEU B 275 3.64 -4.13 20.73
N GLN B 276 4.34 -3.67 19.70
CA GLN B 276 5.56 -2.87 19.94
C GLN B 276 5.21 -1.64 20.78
N GLU B 277 4.08 -1.00 20.51
CA GLU B 277 3.70 0.25 21.20
C GLU B 277 3.13 -0.02 22.58
N GLU B 278 2.34 -1.06 22.77
CA GLU B 278 1.55 -1.23 24.00
C GLU B 278 2.20 -2.26 24.95
N GLY B 279 2.98 -3.18 24.41
CA GLY B 279 3.59 -4.23 25.17
C GLY B 279 2.64 -5.41 25.32
N PRO B 280 3.12 -6.52 25.94
CA PRO B 280 2.42 -7.79 25.90
C PRO B 280 1.10 -7.88 26.64
N GLY B 281 0.84 -6.88 27.50
CA GLY B 281 -0.49 -6.71 28.05
C GLY B 281 -1.58 -6.59 27.04
N ILE B 282 -1.23 -6.17 25.80
CA ILE B 282 -2.24 -6.03 24.77
C ILE B 282 -3.01 -7.34 24.59
N PHE B 283 -2.40 -8.51 24.83
CA PHE B 283 -3.04 -9.79 24.54
C PHE B 283 -4.24 -10.06 25.37
N THR B 284 -4.22 -9.67 26.63
CA THR B 284 -5.43 -9.87 27.46
C THR B 284 -6.54 -8.98 27.02
N ARG B 285 -6.22 -7.75 26.61
CA ARG B 285 -7.20 -6.77 26.09
C ARG B 285 -7.82 -7.29 24.80
N LEU B 286 -7.02 -7.76 23.86
CA LEU B 286 -7.55 -8.22 22.62
C LEU B 286 -8.48 -9.42 22.80
N GLU B 287 -8.13 -10.33 23.71
CA GLU B 287 -8.96 -11.50 23.94
C GLU B 287 -10.30 -11.04 24.52
N ASP B 288 -10.25 -10.14 25.50
CA ASP B 288 -11.49 -9.71 26.19
C ASP B 288 -12.39 -9.03 25.18
N GLU B 289 -11.77 -8.13 24.37
CA GLU B 289 -12.51 -7.40 23.37
C GLU B 289 -13.12 -8.32 22.33
N LEU B 290 -12.36 -9.30 21.84
CA LEU B 290 -12.87 -10.23 20.84
C LEU B 290 -14.04 -11.03 21.41
N LEU B 291 -13.88 -11.51 22.65
CA LEU B 291 -14.96 -12.34 23.26
C LEU B 291 -16.19 -11.45 23.48
N GLU B 292 -16.04 -10.16 23.75
CA GLU B 292 -17.17 -9.23 23.97
C GLU B 292 -17.97 -9.01 22.70
N ILE B 293 -17.29 -8.81 21.60
CA ILE B 293 -17.94 -8.71 20.30
C ILE B 293 -18.66 -9.99 19.94
N MET B 294 -18.03 -11.16 20.16
CA MET B 294 -18.68 -12.49 19.90
C MET B 294 -19.96 -12.58 20.78
N ALA B 295 -19.86 -12.25 22.05
CA ALA B 295 -21.05 -12.39 22.94
C ALA B 295 -22.15 -11.47 22.45
N ARG B 296 -21.83 -10.26 22.02
CA ARG B 296 -22.87 -9.27 21.63
C ARG B 296 -23.61 -9.84 20.38
N LYS B 297 -22.86 -10.56 19.53
CA LYS B 297 -23.39 -11.12 18.29
C LYS B 297 -23.98 -12.54 18.41
N GLY B 298 -23.88 -13.17 19.57
CA GLY B 298 -24.27 -14.54 19.74
C GLY B 298 -23.36 -15.57 19.11
N TYR B 299 -22.07 -15.25 18.90
CA TYR B 299 -21.21 -16.25 18.32
C TYR B 299 -20.54 -16.98 19.48
N ARG B 300 -20.49 -18.28 19.43
CA ARG B 300 -19.81 -19.06 20.45
C ARG B 300 -18.41 -19.60 20.04
N THR B 301 -18.15 -19.71 18.76
CA THR B 301 -16.93 -20.20 18.23
C THR B 301 -16.39 -19.23 17.16
N LEU B 302 -15.11 -19.33 16.92
CA LEU B 302 -14.52 -18.61 15.80
C LEU B 302 -14.94 -19.18 14.46
N GLU B 303 -15.10 -20.50 14.37
CA GLU B 303 -15.50 -21.17 13.16
C GLU B 303 -16.84 -20.65 12.64
N GLU B 304 -17.71 -20.18 13.54
CA GLU B 304 -19.00 -19.69 13.10
C GLU B 304 -18.94 -18.51 12.16
N PHE B 305 -17.88 -17.70 12.27
CA PHE B 305 -17.80 -16.54 11.43
C PHE B 305 -16.52 -16.40 10.65
N ARG B 306 -15.55 -17.29 10.82
CA ARG B 306 -14.28 -17.18 10.05
C ARG B 306 -14.61 -17.30 8.56
N GLY B 307 -14.13 -16.32 7.81
CA GLY B 307 -14.30 -16.27 6.40
C GLY B 307 -15.70 -15.88 5.90
N ARG B 308 -16.56 -15.52 6.81
CA ARG B 308 -17.95 -15.24 6.49
C ARG B 308 -18.31 -13.79 6.27
N VAL B 309 -17.34 -12.98 5.91
CA VAL B 309 -17.59 -11.61 5.44
C VAL B 309 -18.63 -11.69 4.34
N LYS B 310 -19.58 -10.83 4.45
CA LYS B 310 -20.67 -10.71 3.46
C LYS B 310 -20.32 -9.73 2.32
N THR B 311 -20.70 -10.10 1.10
CA THR B 311 -20.57 -9.20 -0.04
C THR B 311 -21.94 -8.62 -0.34
N ILE B 312 -22.00 -7.59 -1.17
CA ILE B 312 -23.29 -6.95 -1.51
C ILE B 312 -23.77 -7.51 -2.83
N GLU B 313 -24.97 -8.13 -2.84
CA GLU B 313 -25.42 -9.00 -3.97
C GLU B 313 -24.35 -10.05 -4.38
#